data_6OVQ
#
_entry.id   6OVQ
#
_cell.length_a   131.105
_cell.length_b   131.105
_cell.length_c   79.769
_cell.angle_alpha   90.00
_cell.angle_beta   90.00
_cell.angle_gamma   90.00
#
_symmetry.space_group_name_H-M   'I 4'
#
loop_
_entity.id
_entity.type
_entity.pdbx_description
1 polymer 'Putative Side chain reductase'
2 non-polymer GLYCEROL
3 water water
#
_entity_poly.entity_id   1
_entity_poly.type   'polypeptide(L)'
_entity_poly.pdbx_seq_one_letter_code
;MEFRSLGRSGLSVSEIVYGNLLYPQDDTPDEVVLSSIRAALDAGVTTFDTADVYGMFRSESLLGRALAGTPREELVLCTK
VGMPTGFGPNGRGLSRKHVMESVDGSLRRLRVDHIDVYTAHRYDPATPLEELMWTFSDLVRAGKILYVGMSEWPVERIAE
AAGIGARLGVPVICHMPRYSMLWRAPEAEVIPACRDLGIGQICYFTLEQGVLTGKYAPGAPPPAGSRATAPKGGRAPLMR
RWLDDDKVLGRVERLRPLAEEAGLTTAQLALAWVLQNPGVSGAVIGSFNAEQVLANAESAGVRLETDLLVRIDEVLGDSV
VHDEELEHHHHHH
;
_entity_poly.pdbx_strand_id   A,B
#
# COMPACT_ATOMS: atom_id res chain seq x y z
N MET A 1 23.36 0.29 10.28
CA MET A 1 22.03 -0.35 10.20
C MET A 1 21.02 0.66 9.66
N GLU A 2 20.01 0.18 8.94
CA GLU A 2 18.88 1.02 8.47
C GLU A 2 17.62 0.56 9.21
N PHE A 3 16.63 1.45 9.35
CA PHE A 3 15.42 1.22 10.18
C PHE A 3 14.16 1.53 9.37
N ARG A 4 13.07 0.87 9.71
CA ARG A 4 11.76 1.11 9.08
C ARG A 4 10.69 1.17 10.17
N SER A 5 9.62 1.91 9.92
CA SER A 5 8.38 1.83 10.75
C SER A 5 7.81 0.42 10.64
N LEU A 6 7.37 -0.15 11.76
CA LEU A 6 6.63 -1.44 11.76
C LEU A 6 5.16 -1.09 11.55
N GLY A 7 4.71 -1.12 10.30
CA GLY A 7 3.34 -0.71 9.91
C GLY A 7 3.10 0.77 10.19
N ARG A 8 1.83 1.16 10.38
CA ARG A 8 1.43 2.55 10.75
C ARG A 8 1.52 2.64 12.28
N SER A 9 2.72 2.91 12.76
CA SER A 9 3.06 2.98 14.21
C SER A 9 4.30 3.86 14.39
N GLY A 10 4.56 4.27 15.63
CA GLY A 10 5.75 5.05 15.99
C GLY A 10 6.94 4.16 16.27
N LEU A 11 6.77 2.83 16.16
CA LEU A 11 7.86 1.85 16.44
C LEU A 11 8.76 1.72 15.20
N SER A 12 10.05 1.80 15.41
CA SER A 12 11.10 1.58 14.39
C SER A 12 11.80 0.25 14.65
N VAL A 13 11.91 -0.60 13.63
CA VAL A 13 12.67 -1.89 13.71
C VAL A 13 13.88 -1.81 12.78
N SER A 14 14.95 -2.52 13.12
CA SER A 14 16.12 -2.70 12.22
C SER A 14 15.67 -3.52 11.01
N GLU A 15 16.14 -3.17 9.81
CA GLU A 15 15.75 -3.86 8.55
C GLU A 15 16.16 -5.33 8.64
N ILE A 16 17.23 -5.63 9.38
CA ILE A 16 17.62 -7.03 9.70
C ILE A 16 17.23 -7.28 11.16
N VAL A 17 16.45 -8.34 11.34
CA VAL A 17 15.90 -8.82 12.64
C VAL A 17 16.62 -10.14 12.95
N TYR A 18 17.09 -10.32 14.18
CA TYR A 18 17.72 -11.59 14.59
C TYR A 18 16.67 -12.48 15.26
N GLY A 19 16.42 -13.65 14.68
CA GLY A 19 15.46 -14.65 15.19
C GLY A 19 16.16 -15.91 15.61
N ASN A 20 16.39 -16.08 16.92
CA ASN A 20 17.12 -17.26 17.48
C ASN A 20 16.13 -18.43 17.61
N LEU A 21 15.66 -18.95 16.47
CA LEU A 21 14.75 -20.11 16.37
C LEU A 21 15.51 -21.39 16.78
N LEU A 22 14.88 -22.22 17.62
CA LEU A 22 15.40 -23.53 18.10
C LEU A 22 14.26 -24.56 18.01
N THR A 28 21.69 -27.32 19.68
CA THR A 28 22.65 -26.16 19.62
C THR A 28 23.01 -25.75 21.04
N PRO A 29 24.32 -25.61 21.36
CA PRO A 29 24.72 -25.27 22.72
C PRO A 29 24.51 -23.77 23.05
N ASP A 30 24.30 -23.46 24.34
CA ASP A 30 24.01 -22.10 24.85
C ASP A 30 25.00 -21.09 24.25
N GLU A 31 26.30 -21.42 24.30
CA GLU A 31 27.41 -20.49 23.96
C GLU A 31 27.30 -20.04 22.49
N VAL A 32 26.89 -20.95 21.60
CA VAL A 32 26.74 -20.65 20.13
C VAL A 32 25.61 -19.63 19.96
N VAL A 33 24.50 -19.81 20.67
CA VAL A 33 23.31 -18.91 20.61
C VAL A 33 23.70 -17.54 21.15
N LEU A 34 24.36 -17.50 22.33
CA LEU A 34 24.73 -16.25 23.02
C LEU A 34 25.71 -15.45 22.15
N SER A 35 26.73 -16.10 21.58
CA SER A 35 27.74 -15.43 20.72
C SER A 35 27.09 -14.91 19.43
N SER A 36 26.10 -15.61 18.87
CA SER A 36 25.37 -15.17 17.65
C SER A 36 24.54 -13.91 17.94
N ILE A 37 23.87 -13.86 19.09
CA ILE A 37 23.07 -12.68 19.51
C ILE A 37 24.03 -11.49 19.68
N ARG A 38 25.19 -11.72 20.31
CA ARG A 38 26.26 -10.70 20.51
C ARG A 38 26.68 -10.17 19.13
N ALA A 39 26.90 -11.06 18.17
CA ALA A 39 27.30 -10.71 16.78
C ALA A 39 26.22 -9.79 16.17
N ALA A 40 24.95 -10.09 16.40
CA ALA A 40 23.82 -9.29 15.87
C ALA A 40 23.86 -7.89 16.48
N LEU A 41 23.99 -7.77 17.81
CA LEU A 41 24.10 -6.47 18.53
C LEU A 41 25.27 -5.66 17.94
N ASP A 42 26.43 -6.31 17.78
CA ASP A 42 27.67 -5.69 17.21
C ASP A 42 27.43 -5.14 15.81
N ALA A 43 26.58 -5.82 15.03
CA ALA A 43 26.20 -5.46 13.64
C ALA A 43 25.15 -4.34 13.62
N GLY A 44 24.63 -3.93 14.78
CA GLY A 44 23.65 -2.83 14.90
C GLY A 44 22.19 -3.30 14.82
N VAL A 45 21.96 -4.61 14.84
CA VAL A 45 20.59 -5.19 14.93
C VAL A 45 19.98 -4.75 16.27
N THR A 46 18.76 -4.20 16.24
CA THR A 46 18.03 -3.72 17.44
C THR A 46 16.87 -4.66 17.77
N THR A 47 16.39 -5.41 16.78
CA THR A 47 15.09 -6.09 16.78
C THR A 47 15.35 -7.58 16.86
N PHE A 48 14.88 -8.21 17.94
CA PHE A 48 15.11 -9.64 18.25
C PHE A 48 13.76 -10.32 18.35
N ASP A 49 13.64 -11.47 17.69
CA ASP A 49 12.39 -12.26 17.68
C ASP A 49 12.67 -13.64 18.26
N THR A 50 11.68 -14.15 19.00
CA THR A 50 11.73 -15.46 19.66
C THR A 50 10.28 -15.91 19.82
N ALA A 51 10.06 -16.94 20.63
CA ALA A 51 8.72 -17.48 20.94
C ALA A 51 8.84 -18.31 22.21
N ASP A 52 7.76 -18.42 22.99
CA ASP A 52 7.73 -19.31 24.17
C ASP A 52 8.17 -20.72 23.72
N VAL A 53 7.70 -21.16 22.55
CA VAL A 53 7.82 -22.58 22.09
C VAL A 53 9.24 -22.88 21.57
N TYR A 54 10.04 -21.87 21.20
CA TYR A 54 11.39 -22.07 20.60
C TYR A 54 12.33 -22.67 21.65
N GLY A 55 12.76 -23.91 21.44
CA GLY A 55 13.60 -24.66 22.41
C GLY A 55 12.89 -24.82 23.74
N MET A 56 11.55 -24.84 23.71
CA MET A 56 10.65 -24.86 24.90
C MET A 56 11.23 -23.96 26.00
N PHE A 57 11.11 -22.63 25.81
CA PHE A 57 11.45 -21.56 26.79
C PHE A 57 12.94 -21.20 26.72
N ARG A 58 13.78 -22.07 26.15
CA ARG A 58 15.25 -21.89 26.12
C ARG A 58 15.62 -20.66 25.28
N SER A 59 14.97 -20.43 24.14
CA SER A 59 15.26 -19.29 23.24
C SER A 59 15.04 -17.96 23.99
N GLU A 60 13.90 -17.82 24.66
CA GLU A 60 13.56 -16.61 25.44
C GLU A 60 14.61 -16.38 26.55
N SER A 61 14.93 -17.42 27.31
CA SER A 61 15.92 -17.36 28.43
C SER A 61 17.29 -16.91 27.89
N LEU A 62 17.74 -17.46 26.76
CA LEU A 62 19.06 -17.10 26.18
C LEU A 62 19.03 -15.66 25.67
N LEU A 63 17.94 -15.21 25.02
CA LEU A 63 17.81 -13.83 24.53
C LEU A 63 17.83 -12.88 25.74
N GLY A 64 17.12 -13.23 26.81
CA GLY A 64 17.08 -12.44 28.05
C GLY A 64 18.48 -12.23 28.60
N ARG A 65 19.27 -13.30 28.64
CA ARG A 65 20.67 -13.27 29.16
C ARG A 65 21.55 -12.43 28.23
N ALA A 66 21.54 -12.70 26.92
CA ALA A 66 22.41 -12.05 25.91
C ALA A 66 22.12 -10.55 25.84
N LEU A 67 20.87 -10.13 26.04
CA LEU A 67 20.46 -8.70 25.90
C LEU A 67 20.54 -7.97 27.24
N ALA A 68 20.83 -8.66 28.35
CA ALA A 68 20.95 -8.05 29.69
C ALA A 68 22.01 -6.96 29.64
N GLY A 69 21.71 -5.78 30.19
CA GLY A 69 22.65 -4.64 30.19
C GLY A 69 22.41 -3.66 29.06
N THR A 70 21.93 -4.11 27.90
CA THR A 70 21.57 -3.21 26.77
C THR A 70 20.43 -2.31 27.22
N PRO A 71 20.54 -0.97 27.08
CA PRO A 71 19.46 -0.07 27.45
C PRO A 71 18.15 -0.48 26.76
N ARG A 72 17.06 -0.52 27.53
CA ARG A 72 15.76 -1.05 27.07
C ARG A 72 15.30 -0.31 25.81
N GLU A 73 15.54 1.00 25.72
CA GLU A 73 15.03 1.85 24.61
C GLU A 73 15.76 1.50 23.30
N GLU A 74 16.90 0.82 23.38
CA GLU A 74 17.71 0.46 22.19
C GLU A 74 17.23 -0.87 21.58
N LEU A 75 16.36 -1.62 22.26
CA LEU A 75 15.94 -3.00 21.86
C LEU A 75 14.46 -3.02 21.49
N VAL A 76 14.12 -3.76 20.44
CA VAL A 76 12.72 -4.16 20.13
C VAL A 76 12.65 -5.68 20.32
N LEU A 77 11.99 -6.12 21.39
CA LEU A 77 11.86 -7.55 21.76
C LEU A 77 10.48 -8.03 21.31
N CYS A 78 10.47 -9.05 20.46
CA CYS A 78 9.24 -9.67 19.92
C CYS A 78 9.24 -11.12 20.37
N THR A 79 8.12 -11.59 20.92
CA THR A 79 7.92 -13.02 21.22
C THR A 79 6.51 -13.40 20.82
N LYS A 80 6.13 -14.64 21.09
CA LYS A 80 4.92 -15.25 20.50
C LYS A 80 4.22 -16.09 21.56
N VAL A 81 2.95 -16.33 21.29
CA VAL A 81 2.07 -17.23 22.07
C VAL A 81 1.15 -17.92 21.06
N GLY A 82 0.79 -19.17 21.32
CA GLY A 82 -0.15 -19.92 20.46
C GLY A 82 0.25 -21.37 20.28
N MET A 83 1.55 -21.65 20.14
CA MET A 83 2.04 -23.04 19.94
C MET A 83 2.08 -23.75 21.30
N PRO A 84 2.03 -25.10 21.34
CA PRO A 84 1.93 -25.82 22.62
C PRO A 84 3.19 -25.67 23.51
N THR A 85 2.99 -25.19 24.73
CA THR A 85 4.04 -25.02 25.75
C THR A 85 3.65 -25.70 27.07
N GLY A 86 2.43 -26.21 27.17
CA GLY A 86 1.94 -26.97 28.33
C GLY A 86 1.12 -28.16 27.90
N PHE A 87 0.81 -29.06 28.83
CA PHE A 87 0.00 -30.27 28.58
C PHE A 87 -1.48 -29.88 28.51
N GLY A 88 -2.24 -30.61 27.68
CA GLY A 88 -3.71 -30.55 27.65
C GLY A 88 -4.19 -29.42 26.75
N PRO A 89 -5.52 -29.33 26.56
CA PRO A 89 -6.08 -28.43 25.54
C PRO A 89 -6.03 -26.92 25.89
N ASN A 90 -5.62 -26.54 27.11
CA ASN A 90 -5.42 -25.10 27.45
C ASN A 90 -3.93 -24.77 27.50
N GLY A 91 -3.07 -25.67 27.03
CA GLY A 91 -1.61 -25.51 27.00
C GLY A 91 -1.13 -24.99 25.67
N ARG A 92 -2.05 -24.49 24.86
CA ARG A 92 -1.81 -24.06 23.46
C ARG A 92 -2.98 -23.15 23.03
N GLY A 93 -2.86 -22.54 21.85
CA GLY A 93 -3.92 -21.72 21.23
C GLY A 93 -3.92 -20.30 21.77
N LEU A 94 -5.02 -19.57 21.56
CA LEU A 94 -5.06 -18.10 21.80
C LEU A 94 -6.21 -17.73 22.73
N SER A 95 -6.66 -18.64 23.61
CA SER A 95 -7.71 -18.34 24.63
C SER A 95 -7.18 -17.28 25.60
N ARG A 96 -8.08 -16.50 26.19
CA ARG A 96 -7.71 -15.58 27.29
C ARG A 96 -6.87 -16.37 28.30
N LYS A 97 -7.28 -17.59 28.63
CA LYS A 97 -6.57 -18.42 29.65
C LYS A 97 -5.12 -18.63 29.21
N HIS A 98 -4.88 -19.19 28.03
CA HIS A 98 -3.50 -19.51 27.60
C HIS A 98 -2.67 -18.24 27.45
N VAL A 99 -3.24 -17.17 26.87
CA VAL A 99 -2.49 -15.90 26.66
C VAL A 99 -2.10 -15.30 28.03
N MET A 100 -3.05 -15.25 28.97
CA MET A 100 -2.81 -14.67 30.32
C MET A 100 -1.80 -15.54 31.09
N GLU A 101 -1.79 -16.85 30.88
CA GLU A 101 -0.88 -17.79 31.61
C GLU A 101 0.48 -17.85 30.90
N SER A 102 0.62 -17.24 29.73
CA SER A 102 1.87 -17.29 28.91
C SER A 102 2.71 -16.02 29.12
N VAL A 103 2.08 -14.87 29.25
CA VAL A 103 2.79 -13.55 29.15
C VAL A 103 3.81 -13.40 30.28
N ASP A 104 3.51 -13.78 31.52
CA ASP A 104 4.43 -13.48 32.66
C ASP A 104 5.72 -14.31 32.55
N GLY A 105 5.60 -15.57 32.10
CA GLY A 105 6.74 -16.44 31.78
C GLY A 105 7.65 -15.80 30.75
N SER A 106 7.08 -15.30 29.64
CA SER A 106 7.86 -14.61 28.58
C SER A 106 8.56 -13.38 29.18
N LEU A 107 7.88 -12.57 29.98
CA LEU A 107 8.49 -11.36 30.60
C LEU A 107 9.66 -11.79 31.50
N ARG A 108 9.45 -12.80 32.35
CA ARG A 108 10.51 -13.25 33.31
C ARG A 108 11.73 -13.78 32.54
N ARG A 109 11.52 -14.61 31.50
CA ARG A 109 12.65 -15.24 30.76
C ARG A 109 13.41 -14.17 29.95
N LEU A 110 12.69 -13.21 29.38
CA LEU A 110 13.30 -12.10 28.60
C LEU A 110 13.91 -11.05 29.53
N ARG A 111 13.59 -11.07 30.83
CA ARG A 111 14.14 -10.16 31.88
C ARG A 111 13.68 -8.73 31.61
N VAL A 112 12.41 -8.54 31.21
CA VAL A 112 11.83 -7.20 30.89
C VAL A 112 10.47 -7.08 31.57
N ASP A 113 9.96 -5.87 31.71
CA ASP A 113 8.61 -5.62 32.28
C ASP A 113 7.61 -5.40 31.13
N HIS A 114 8.07 -5.26 29.89
CA HIS A 114 7.17 -5.25 28.71
C HIS A 114 7.82 -5.89 27.48
N ILE A 115 6.99 -6.51 26.66
CA ILE A 115 7.32 -7.04 25.32
C ILE A 115 6.92 -5.96 24.31
N ASP A 116 7.80 -5.61 23.37
CA ASP A 116 7.47 -4.62 22.31
C ASP A 116 6.38 -5.18 21.38
N VAL A 117 6.59 -6.39 20.84
CA VAL A 117 5.65 -7.00 19.85
C VAL A 117 5.29 -8.39 20.34
N TYR A 118 4.03 -8.61 20.74
CA TYR A 118 3.50 -9.93 21.15
C TYR A 118 2.69 -10.50 19.98
N THR A 119 3.17 -11.60 19.40
CA THR A 119 2.63 -12.15 18.14
C THR A 119 1.78 -13.39 18.43
N ALA A 120 0.56 -13.39 17.91
CA ALA A 120 -0.34 -14.57 17.92
C ALA A 120 0.21 -15.57 16.88
N HIS A 121 0.85 -16.64 17.37
CA HIS A 121 1.51 -17.72 16.59
C HIS A 121 0.40 -18.63 16.03
N ARG A 122 -0.02 -18.39 14.79
CA ARG A 122 -1.05 -19.15 14.04
C ARG A 122 -2.44 -18.82 14.56
N TYR A 123 -3.39 -18.72 13.64
CA TYR A 123 -4.80 -18.38 13.94
C TYR A 123 -5.47 -19.57 14.66
N ASP A 124 -6.21 -19.30 15.73
CA ASP A 124 -6.91 -20.32 16.53
C ASP A 124 -8.40 -20.25 16.25
N PRO A 125 -8.97 -21.16 15.42
CA PRO A 125 -10.40 -21.12 15.09
C PRO A 125 -11.31 -21.38 16.31
N ALA A 126 -10.77 -21.88 17.41
CA ALA A 126 -11.54 -22.17 18.64
C ALA A 126 -11.73 -20.89 19.48
N THR A 127 -10.92 -19.85 19.28
CA THR A 127 -11.04 -18.61 20.09
C THR A 127 -11.71 -17.50 19.28
N PRO A 128 -12.87 -16.97 19.75
CA PRO A 128 -13.45 -15.76 19.17
C PRO A 128 -12.42 -14.63 19.17
N LEU A 129 -12.32 -13.89 18.07
CA LEU A 129 -11.34 -12.78 17.99
C LEU A 129 -11.67 -11.70 19.01
N GLU A 130 -12.94 -11.54 19.42
CA GLU A 130 -13.30 -10.60 20.51
C GLU A 130 -12.60 -11.05 21.80
N GLU A 131 -12.57 -12.35 22.08
CA GLU A 131 -11.94 -12.89 23.31
C GLU A 131 -10.44 -12.59 23.27
N LEU A 132 -9.77 -12.92 22.17
CA LEU A 132 -8.31 -12.67 22.03
C LEU A 132 -8.02 -11.16 22.11
N MET A 133 -8.72 -10.33 21.36
CA MET A 133 -8.35 -8.87 21.24
C MET A 133 -8.65 -8.15 22.57
N TRP A 134 -9.67 -8.55 23.33
CA TRP A 134 -9.89 -8.00 24.68
C TRP A 134 -8.78 -8.48 25.64
N THR A 135 -8.22 -9.68 25.45
CA THR A 135 -7.08 -10.15 26.29
C THR A 135 -5.86 -9.25 26.00
N PHE A 136 -5.57 -9.02 24.72
CA PHE A 136 -4.49 -8.10 24.29
C PHE A 136 -4.75 -6.71 24.87
N SER A 137 -6.00 -6.21 24.84
CA SER A 137 -6.37 -4.90 25.43
C SER A 137 -5.95 -4.86 26.91
N ASP A 138 -6.32 -5.88 27.68
CA ASP A 138 -5.97 -5.97 29.12
C ASP A 138 -4.45 -5.91 29.32
N LEU A 139 -3.66 -6.59 28.48
CA LEU A 139 -2.17 -6.61 28.58
C LEU A 139 -1.58 -5.27 28.15
N VAL A 140 -2.16 -4.56 27.18
CA VAL A 140 -1.70 -3.21 26.77
C VAL A 140 -2.02 -2.23 27.92
N ARG A 141 -3.25 -2.27 28.46
CA ARG A 141 -3.65 -1.41 29.62
C ARG A 141 -2.65 -1.63 30.77
N ALA A 142 -2.23 -2.88 30.99
CA ALA A 142 -1.36 -3.29 32.12
C ALA A 142 0.11 -2.91 31.86
N GLY A 143 0.44 -2.50 30.63
CA GLY A 143 1.82 -2.14 30.24
C GLY A 143 2.73 -3.36 30.07
N LYS A 144 2.17 -4.56 29.87
CA LYS A 144 2.96 -5.82 29.73
C LYS A 144 3.36 -6.04 28.27
N ILE A 145 2.54 -5.57 27.32
CA ILE A 145 2.84 -5.61 25.86
C ILE A 145 2.52 -4.22 25.30
N LEU A 146 3.23 -3.83 24.25
CA LEU A 146 3.04 -2.51 23.60
C LEU A 146 2.24 -2.67 22.30
N TYR A 147 2.65 -3.62 21.45
CA TYR A 147 2.11 -3.76 20.08
C TYR A 147 1.81 -5.23 19.81
N VAL A 148 0.85 -5.51 18.92
CA VAL A 148 0.39 -6.88 18.61
C VAL A 148 0.80 -7.25 17.18
N GLY A 149 1.24 -8.50 17.03
CA GLY A 149 1.56 -9.13 15.74
C GLY A 149 0.75 -10.40 15.53
N MET A 150 0.77 -10.89 14.29
CA MET A 150 0.17 -12.19 13.91
C MET A 150 1.16 -12.91 13.01
N SER A 151 1.20 -14.24 13.09
CA SER A 151 2.10 -15.08 12.27
C SER A 151 1.28 -16.09 11.47
N GLU A 152 1.41 -16.00 10.15
CA GLU A 152 0.81 -16.89 9.12
C GLU A 152 -0.68 -17.05 9.43
N TRP A 153 -1.42 -15.94 9.44
CA TRP A 153 -2.89 -15.88 9.64
C TRP A 153 -3.57 -15.81 8.28
N PRO A 154 -4.83 -16.27 8.14
CA PRO A 154 -5.63 -15.97 6.96
C PRO A 154 -5.89 -14.46 6.88
N VAL A 155 -5.84 -13.91 5.67
CA VAL A 155 -5.96 -12.44 5.42
C VAL A 155 -7.26 -11.93 6.05
N GLU A 156 -8.35 -12.69 6.01
CA GLU A 156 -9.69 -12.22 6.50
C GLU A 156 -9.64 -12.02 8.02
N ARG A 157 -8.92 -12.89 8.73
CA ARG A 157 -8.75 -12.84 10.21
C ARG A 157 -7.79 -11.70 10.60
N ILE A 158 -6.78 -11.42 9.77
CA ILE A 158 -5.89 -10.24 9.96
C ILE A 158 -6.76 -8.98 9.97
N ALA A 159 -7.62 -8.81 8.96
CA ALA A 159 -8.49 -7.62 8.80
C ALA A 159 -9.44 -7.52 9.99
N GLU A 160 -10.03 -8.64 10.41
CA GLU A 160 -10.98 -8.67 11.56
C GLU A 160 -10.23 -8.21 12.81
N ALA A 161 -9.06 -8.80 13.08
CA ALA A 161 -8.24 -8.47 14.27
C ALA A 161 -7.88 -6.98 14.27
N ALA A 162 -7.45 -6.44 13.12
CA ALA A 162 -7.03 -5.02 12.97
C ALA A 162 -8.20 -4.09 13.30
N GLY A 163 -9.40 -4.41 12.79
CA GLY A 163 -10.66 -3.68 13.08
C GLY A 163 -10.95 -3.63 14.57
N ILE A 164 -10.93 -4.77 15.24
CA ILE A 164 -11.27 -4.85 16.70
C ILE A 164 -10.19 -4.08 17.47
N GLY A 165 -8.92 -4.27 17.08
CA GLY A 165 -7.76 -3.59 17.69
C GLY A 165 -7.91 -2.09 17.65
N ALA A 166 -8.30 -1.54 16.50
CA ALA A 166 -8.53 -0.08 16.31
C ALA A 166 -9.59 0.38 17.31
N ARG A 167 -10.70 -0.36 17.45
CA ARG A 167 -11.82 -0.01 18.36
C ARG A 167 -11.33 -0.02 19.82
N LEU A 168 -10.45 -0.97 20.18
CA LEU A 168 -10.06 -1.22 21.60
C LEU A 168 -8.74 -0.51 21.95
N GLY A 169 -8.14 0.24 21.03
CA GLY A 169 -6.83 0.86 21.28
C GLY A 169 -5.73 -0.17 21.46
N VAL A 170 -5.81 -1.29 20.74
CA VAL A 170 -4.70 -2.29 20.66
C VAL A 170 -3.99 -2.09 19.33
N PRO A 171 -2.72 -1.60 19.30
CA PRO A 171 -2.02 -1.42 18.03
C PRO A 171 -1.77 -2.79 17.38
N VAL A 172 -2.33 -3.01 16.19
CA VAL A 172 -2.09 -4.25 15.39
C VAL A 172 -1.23 -3.83 14.19
N ILE A 173 0.09 -4.10 14.25
CA ILE A 173 1.08 -3.39 13.39
C ILE A 173 1.99 -4.37 12.62
N CYS A 174 1.95 -5.68 12.91
CA CYS A 174 2.99 -6.64 12.47
C CYS A 174 2.34 -7.94 11.97
N HIS A 175 2.79 -8.42 10.83
CA HIS A 175 2.51 -9.79 10.34
C HIS A 175 3.84 -10.47 10.01
N MET A 176 3.99 -11.74 10.35
CA MET A 176 5.24 -12.50 10.10
C MET A 176 4.95 -13.62 9.11
N PRO A 177 5.12 -13.34 7.80
CA PRO A 177 4.93 -14.36 6.77
C PRO A 177 6.22 -15.13 6.54
N ARG A 178 6.11 -16.29 5.88
CA ARG A 178 7.22 -16.84 5.08
C ARG A 178 7.31 -16.01 3.79
N TYR A 179 8.46 -15.39 3.54
CA TYR A 179 8.70 -14.55 2.32
C TYR A 179 10.19 -14.61 1.96
N SER A 180 10.47 -15.01 0.73
CA SER A 180 11.83 -15.09 0.15
C SER A 180 11.76 -14.89 -1.36
N MET A 181 12.93 -14.80 -2.01
CA MET A 181 13.07 -14.77 -3.49
C MET A 181 12.32 -15.96 -4.11
N LEU A 182 12.24 -17.10 -3.40
CA LEU A 182 11.61 -18.34 -3.91
C LEU A 182 10.14 -18.44 -3.46
N TRP A 183 9.81 -17.97 -2.25
CA TRP A 183 8.45 -18.15 -1.68
C TRP A 183 7.72 -16.80 -1.67
N ARG A 184 6.85 -16.57 -2.65
CA ARG A 184 6.22 -15.23 -2.89
C ARG A 184 4.70 -15.30 -2.69
N ALA A 185 4.19 -16.36 -2.06
CA ALA A 185 2.74 -16.54 -1.80
C ALA A 185 2.13 -15.28 -1.18
N PRO A 186 2.75 -14.62 -0.16
CA PRO A 186 2.12 -13.44 0.44
C PRO A 186 1.92 -12.20 -0.45
N GLU A 187 2.52 -12.15 -1.64
CA GLU A 187 2.41 -10.99 -2.57
C GLU A 187 0.99 -10.87 -3.12
N ALA A 188 0.27 -11.98 -3.30
CA ALA A 188 -1.05 -12.02 -3.96
C ALA A 188 -2.08 -11.21 -3.17
N GLU A 189 -2.26 -11.53 -1.87
CA GLU A 189 -3.34 -10.96 -1.03
C GLU A 189 -2.80 -10.44 0.31
N VAL A 190 -1.91 -11.19 0.98
CA VAL A 190 -1.51 -10.90 2.39
C VAL A 190 -0.81 -9.53 2.47
N ILE A 191 0.24 -9.29 1.68
CA ILE A 191 1.03 -8.02 1.79
C ILE A 191 0.13 -6.84 1.36
N PRO A 192 -0.60 -6.92 0.24
CA PRO A 192 -1.52 -5.83 -0.13
C PRO A 192 -2.51 -5.46 0.98
N ALA A 193 -3.18 -6.45 1.58
CA ALA A 193 -4.18 -6.24 2.64
C ALA A 193 -3.50 -5.61 3.86
N CYS A 194 -2.33 -6.12 4.25
CA CYS A 194 -1.58 -5.63 5.44
C CYS A 194 -1.18 -4.16 5.23
N ARG A 195 -0.69 -3.80 4.04
CA ARG A 195 -0.35 -2.39 3.71
C ARG A 195 -1.59 -1.51 3.89
N ASP A 196 -2.75 -1.97 3.41
CA ASP A 196 -4.05 -1.27 3.57
C ASP A 196 -4.37 -1.07 5.05
N LEU A 197 -4.06 -2.06 5.90
CA LEU A 197 -4.47 -2.08 7.33
C LEU A 197 -3.39 -1.43 8.22
N GLY A 198 -2.30 -0.92 7.65
CA GLY A 198 -1.20 -0.31 8.41
C GLY A 198 -0.39 -1.35 9.17
N ILE A 199 -0.18 -2.50 8.55
CA ILE A 199 0.62 -3.64 9.12
C ILE A 199 1.86 -3.85 8.24
N GLY A 200 3.03 -3.97 8.88
CA GLY A 200 4.31 -4.22 8.20
C GLY A 200 4.70 -5.68 8.34
N GLN A 201 5.45 -6.22 7.39
CA GLN A 201 5.90 -7.63 7.44
C GLN A 201 7.26 -7.70 8.14
N ILE A 202 7.42 -8.65 9.06
CA ILE A 202 8.75 -9.15 9.51
C ILE A 202 8.88 -10.58 8.97
N CYS A 203 9.77 -10.77 8.00
CA CYS A 203 9.79 -11.94 7.09
C CYS A 203 10.65 -13.08 7.65
N TYR A 204 10.07 -14.28 7.67
CA TYR A 204 10.73 -15.55 8.08
C TYR A 204 11.16 -16.36 6.85
N PHE A 205 12.23 -17.14 7.03
CA PHE A 205 12.76 -18.12 6.05
C PHE A 205 13.23 -17.39 4.79
N THR A 206 13.75 -16.18 4.95
CA THR A 206 14.30 -15.31 3.87
C THR A 206 15.48 -16.01 3.16
N LEU A 207 16.23 -16.88 3.85
CA LEU A 207 17.34 -17.65 3.23
C LEU A 207 16.91 -19.10 2.98
N GLU A 208 15.62 -19.41 3.19
CA GLU A 208 15.00 -20.73 2.91
C GLU A 208 15.86 -21.85 3.49
N GLN A 209 16.20 -21.74 4.78
CA GLN A 209 16.97 -22.74 5.57
C GLN A 209 18.24 -23.15 4.80
N GLY A 210 18.90 -22.18 4.16
CA GLY A 210 20.21 -22.38 3.50
C GLY A 210 20.14 -22.43 1.98
N VAL A 211 18.96 -22.70 1.41
CA VAL A 211 18.80 -22.87 -0.07
C VAL A 211 19.27 -21.58 -0.77
N LEU A 212 18.95 -20.40 -0.23
CA LEU A 212 19.24 -19.10 -0.90
C LEU A 212 20.59 -18.52 -0.43
N THR A 213 21.46 -19.32 0.17
CA THR A 213 22.87 -18.92 0.48
C THR A 213 23.78 -19.20 -0.73
N GLY A 214 23.36 -20.07 -1.65
CA GLY A 214 24.18 -20.55 -2.78
C GLY A 214 25.33 -21.45 -2.33
N LYS A 215 25.31 -21.94 -1.09
CA LYS A 215 26.39 -22.80 -0.52
C LYS A 215 26.19 -24.27 -0.89
N TYR A 216 25.00 -24.66 -1.37
CA TYR A 216 24.59 -26.08 -1.53
C TYR A 216 24.43 -26.41 -3.01
N ALA A 217 25.19 -27.41 -3.47
CA ALA A 217 25.21 -27.87 -4.87
C ALA A 217 24.26 -29.05 -5.03
N PRO A 218 23.67 -29.26 -6.23
CA PRO A 218 22.89 -30.46 -6.50
C PRO A 218 23.73 -31.70 -6.14
N GLY A 219 23.19 -32.58 -5.28
CA GLY A 219 23.82 -33.85 -4.89
C GLY A 219 24.79 -33.71 -3.73
N ALA A 220 24.77 -32.57 -3.01
CA ALA A 220 25.61 -32.31 -1.83
C ALA A 220 25.02 -33.04 -0.62
CA ALA A 236 15.65 -28.89 7.68
C ALA A 236 14.45 -29.23 6.82
N PRO A 237 13.21 -29.11 7.35
CA PRO A 237 12.00 -29.53 6.63
C PRO A 237 11.66 -28.72 5.37
N LEU A 238 11.87 -27.39 5.40
CA LEU A 238 11.66 -26.51 4.22
C LEU A 238 12.64 -26.92 3.11
N MET A 239 13.93 -27.11 3.45
CA MET A 239 14.99 -27.52 2.50
C MET A 239 14.61 -28.86 1.87
N ARG A 240 14.08 -29.79 2.68
CA ARG A 240 13.53 -31.10 2.23
C ARG A 240 12.56 -30.89 1.06
N ARG A 241 11.55 -30.03 1.23
CA ARG A 241 10.51 -29.76 0.21
C ARG A 241 11.14 -29.12 -1.05
N TRP A 242 12.13 -28.24 -0.86
CA TRP A 242 12.85 -27.56 -1.98
C TRP A 242 13.55 -28.59 -2.88
N LEU A 243 14.07 -29.68 -2.29
CA LEU A 243 14.88 -30.70 -3.01
C LEU A 243 13.98 -31.58 -3.89
N ASP A 244 12.64 -31.43 -3.80
CA ASP A 244 11.69 -32.03 -4.76
C ASP A 244 11.81 -31.32 -6.11
N ASP A 245 12.32 -30.08 -6.09
CA ASP A 245 12.65 -29.28 -7.30
C ASP A 245 14.09 -29.61 -7.72
N ASP A 246 14.24 -30.32 -8.84
CA ASP A 246 15.55 -30.86 -9.31
C ASP A 246 16.41 -29.74 -9.91
N LYS A 247 15.92 -28.49 -9.99
CA LYS A 247 16.64 -27.37 -10.63
C LYS A 247 16.97 -26.23 -9.64
N VAL A 248 16.36 -26.21 -8.45
CA VAL A 248 16.40 -24.99 -7.58
C VAL A 248 17.85 -24.69 -7.13
N LEU A 249 18.62 -25.68 -6.68
CA LEU A 249 19.99 -25.45 -6.16
C LEU A 249 20.90 -24.96 -7.30
N GLY A 250 20.77 -25.54 -8.50
CA GLY A 250 21.52 -25.10 -9.71
C GLY A 250 21.17 -23.67 -10.08
N ARG A 251 19.89 -23.30 -9.95
CA ARG A 251 19.40 -21.95 -10.28
C ARG A 251 19.96 -20.93 -9.28
N VAL A 252 20.02 -21.28 -7.99
CA VAL A 252 20.57 -20.37 -6.94
C VAL A 252 22.06 -20.13 -7.24
N GLU A 253 22.80 -21.16 -7.62
CA GLU A 253 24.25 -21.04 -7.99
C GLU A 253 24.44 -19.97 -9.08
N ARG A 254 23.51 -19.91 -10.04
CA ARG A 254 23.58 -18.97 -11.20
C ARG A 254 23.28 -17.53 -10.75
N LEU A 255 22.82 -17.32 -9.51
CA LEU A 255 22.62 -15.95 -8.95
C LEU A 255 23.96 -15.32 -8.56
N ARG A 256 25.01 -16.13 -8.31
CA ARG A 256 26.29 -15.64 -7.74
C ARG A 256 26.88 -14.53 -8.61
N PRO A 257 26.95 -14.69 -9.96
CA PRO A 257 27.41 -13.61 -10.84
C PRO A 257 26.60 -12.31 -10.67
N LEU A 258 25.26 -12.44 -10.57
CA LEU A 258 24.31 -11.31 -10.37
C LEU A 258 24.63 -10.61 -9.03
N ALA A 259 24.81 -11.39 -7.96
CA ALA A 259 25.16 -10.89 -6.61
C ALA A 259 26.49 -10.14 -6.66
N GLU A 260 27.53 -10.78 -7.20
CA GLU A 260 28.92 -10.24 -7.24
C GLU A 260 28.94 -8.92 -8.02
N GLU A 261 28.18 -8.84 -9.13
CA GLU A 261 28.02 -7.61 -9.96
C GLU A 261 27.53 -6.45 -9.08
N ALA A 262 26.67 -6.73 -8.09
CA ALA A 262 26.08 -5.74 -7.16
C ALA A 262 26.91 -5.61 -5.88
N GLY A 263 28.06 -6.31 -5.79
CA GLY A 263 28.97 -6.30 -4.63
C GLY A 263 28.35 -6.97 -3.41
N LEU A 264 27.58 -8.03 -3.63
CA LEU A 264 26.85 -8.78 -2.57
C LEU A 264 27.20 -10.27 -2.66
N THR A 265 27.07 -10.98 -1.54
CA THR A 265 26.95 -12.47 -1.50
C THR A 265 25.54 -12.83 -1.96
N THR A 266 25.29 -14.09 -2.29
CA THR A 266 23.95 -14.60 -2.68
C THR A 266 23.00 -14.38 -1.49
N ALA A 267 23.45 -14.66 -0.27
CA ALA A 267 22.66 -14.47 0.98
C ALA A 267 22.28 -13.00 1.15
N GLN A 268 23.22 -12.07 0.91
CA GLN A 268 22.94 -10.61 0.99
C GLN A 268 21.93 -10.21 -0.09
N LEU A 269 22.05 -10.80 -1.29
CA LEU A 269 21.11 -10.51 -2.39
C LEU A 269 19.70 -10.98 -2.00
N ALA A 270 19.59 -12.17 -1.40
CA ALA A 270 18.31 -12.76 -0.95
C ALA A 270 17.63 -11.83 0.08
N LEU A 271 18.40 -11.35 1.07
CA LEU A 271 17.90 -10.48 2.15
C LEU A 271 17.53 -9.11 1.58
N ALA A 272 18.39 -8.51 0.76
CA ALA A 272 18.12 -7.25 0.06
C ALA A 272 16.84 -7.41 -0.78
N TRP A 273 16.64 -8.55 -1.42
CA TRP A 273 15.47 -8.75 -2.33
C TRP A 273 14.17 -8.59 -1.56
N VAL A 274 14.10 -9.19 -0.37
CA VAL A 274 12.90 -9.14 0.51
C VAL A 274 12.66 -7.69 0.91
N LEU A 275 13.73 -6.94 1.21
CA LEU A 275 13.63 -5.53 1.70
C LEU A 275 13.24 -4.58 0.57
N GLN A 276 13.25 -5.00 -0.71
CA GLN A 276 12.81 -4.14 -1.84
C GLN A 276 11.29 -3.96 -1.81
N ASN A 277 10.55 -4.84 -1.14
CA ASN A 277 9.07 -4.75 -1.00
C ASN A 277 8.75 -3.62 -0.01
N PRO A 278 8.00 -2.58 -0.43
CA PRO A 278 7.61 -1.49 0.47
C PRO A 278 6.71 -1.93 1.64
N GLY A 279 6.12 -3.12 1.56
CA GLY A 279 5.28 -3.69 2.64
C GLY A 279 6.11 -4.34 3.73
N VAL A 280 7.42 -4.49 3.51
CA VAL A 280 8.35 -5.20 4.45
C VAL A 280 9.01 -4.19 5.39
N SER A 281 8.92 -4.45 6.69
CA SER A 281 9.61 -3.68 7.76
C SER A 281 10.98 -4.29 8.05
N GLY A 282 11.09 -5.62 8.02
CA GLY A 282 12.30 -6.35 8.44
C GLY A 282 12.38 -7.74 7.84
N ALA A 283 13.60 -8.26 7.75
CA ALA A 283 13.94 -9.61 7.27
C ALA A 283 14.67 -10.34 8.40
N VAL A 284 14.19 -11.52 8.78
CA VAL A 284 14.77 -12.30 9.91
C VAL A 284 15.97 -13.12 9.42
N ILE A 285 17.08 -13.07 10.15
CA ILE A 285 18.23 -14.00 10.00
C ILE A 285 18.39 -14.76 11.31
N GLY A 286 18.86 -16.00 11.24
CA GLY A 286 18.95 -16.93 12.39
C GLY A 286 20.28 -17.66 12.46
N SER A 287 21.29 -17.20 11.70
CA SER A 287 22.61 -17.88 11.56
C SER A 287 23.30 -17.95 12.93
N PHE A 288 23.98 -19.08 13.19
CA PHE A 288 24.75 -19.34 14.44
C PHE A 288 26.25 -19.09 14.18
N ASN A 289 26.59 -18.61 12.98
CA ASN A 289 27.98 -18.25 12.59
C ASN A 289 28.13 -16.73 12.70
N ALA A 290 28.95 -16.25 13.64
CA ALA A 290 29.16 -14.82 13.95
C ALA A 290 29.48 -14.03 12.67
N GLU A 291 30.32 -14.59 11.79
CA GLU A 291 30.77 -13.92 10.53
C GLU A 291 29.58 -13.74 9.58
N GLN A 292 28.71 -14.75 9.46
CA GLN A 292 27.51 -14.71 8.58
C GLN A 292 26.53 -13.64 9.10
N VAL A 293 26.33 -13.55 10.41
CA VAL A 293 25.40 -12.55 11.04
C VAL A 293 25.85 -11.15 10.62
N LEU A 294 27.14 -10.86 10.77
CA LEU A 294 27.73 -9.52 10.49
C LEU A 294 27.58 -9.24 8.98
N ALA A 295 27.89 -10.22 8.12
CA ALA A 295 27.77 -10.09 6.64
C ALA A 295 26.31 -9.89 6.24
N ASN A 296 25.41 -10.71 6.78
CA ASN A 296 23.96 -10.68 6.43
C ASN A 296 23.33 -9.36 6.90
N ALA A 297 23.78 -8.80 8.03
CA ALA A 297 23.29 -7.51 8.57
C ALA A 297 23.57 -6.37 7.58
N GLU A 298 24.65 -6.48 6.78
CA GLU A 298 25.06 -5.41 5.83
C GLU A 298 24.15 -5.39 4.59
N SER A 299 23.18 -6.32 4.50
CA SER A 299 22.12 -6.31 3.47
C SER A 299 21.22 -5.06 3.63
N ALA A 300 21.17 -4.49 4.84
CA ALA A 300 20.30 -3.33 5.16
C ALA A 300 20.70 -2.12 4.29
N GLY A 301 19.70 -1.41 3.75
CA GLY A 301 19.89 -0.16 2.98
C GLY A 301 20.33 -0.40 1.54
N VAL A 302 20.49 -1.66 1.13
CA VAL A 302 20.93 -2.01 -0.26
C VAL A 302 19.72 -1.88 -1.18
N ARG A 303 19.83 -1.02 -2.20
CA ARG A 303 18.83 -0.85 -3.29
C ARG A 303 19.26 -1.72 -4.47
N LEU A 304 18.35 -2.55 -4.99
CA LEU A 304 18.61 -3.40 -6.18
C LEU A 304 18.02 -2.71 -7.42
N GLU A 305 18.83 -2.57 -8.48
CA GLU A 305 18.41 -2.00 -9.79
C GLU A 305 17.30 -2.89 -10.39
N THR A 306 16.34 -2.30 -11.10
CA THR A 306 15.18 -3.02 -11.71
C THR A 306 15.67 -4.14 -12.66
N ASP A 307 16.72 -3.88 -13.43
CA ASP A 307 17.29 -4.86 -14.40
C ASP A 307 17.79 -6.09 -13.64
N LEU A 308 18.42 -5.91 -12.47
CA LEU A 308 18.87 -7.00 -11.58
C LEU A 308 17.65 -7.84 -11.14
N LEU A 309 16.55 -7.20 -10.74
CA LEU A 309 15.32 -7.89 -10.26
C LEU A 309 14.72 -8.71 -11.42
N VAL A 310 14.76 -8.19 -12.65
CA VAL A 310 14.20 -8.88 -13.84
C VAL A 310 14.97 -10.18 -14.09
N ARG A 311 16.30 -10.16 -14.05
CA ARG A 311 17.11 -11.36 -14.42
C ARG A 311 17.21 -12.32 -13.23
N ILE A 312 16.99 -11.86 -11.98
CA ILE A 312 16.79 -12.79 -10.83
C ILE A 312 15.59 -13.69 -11.18
N ASP A 313 14.48 -13.11 -11.61
CA ASP A 313 13.23 -13.85 -11.94
C ASP A 313 13.49 -14.81 -13.11
N GLU A 314 14.34 -14.41 -14.05
CA GLU A 314 14.68 -15.21 -15.25
C GLU A 314 15.52 -16.42 -14.80
N VAL A 315 16.52 -16.20 -13.95
CA VAL A 315 17.41 -17.27 -13.41
C VAL A 315 16.56 -18.28 -12.62
N LEU A 316 15.71 -17.83 -11.71
CA LEU A 316 14.94 -18.74 -10.80
C LEU A 316 13.76 -19.38 -11.55
N GLY A 317 13.23 -18.72 -12.59
CA GLY A 317 12.15 -19.25 -13.44
C GLY A 317 11.04 -19.88 -12.62
N ASP A 318 10.69 -21.15 -12.90
CA ASP A 318 9.48 -21.82 -12.35
C ASP A 318 9.77 -22.46 -10.98
N SER A 319 10.95 -22.25 -10.39
CA SER A 319 11.27 -22.65 -9.00
C SER A 319 10.54 -21.73 -8.01
N VAL A 320 10.26 -20.49 -8.41
CA VAL A 320 9.53 -19.48 -7.58
C VAL A 320 8.10 -19.97 -7.36
N VAL A 321 7.62 -19.89 -6.11
CA VAL A 321 6.23 -20.25 -5.72
C VAL A 321 5.45 -18.94 -5.55
N HIS A 322 4.39 -18.72 -6.33
CA HIS A 322 3.55 -17.49 -6.32
C HIS A 322 2.24 -17.74 -5.54
N MET B 1 -12.07 -0.72 -23.41
CA MET B 1 -11.70 0.15 -22.26
C MET B 1 -11.20 -0.72 -21.10
N GLU B 2 -10.31 -0.19 -20.27
CA GLU B 2 -9.88 -0.83 -18.99
C GLU B 2 -10.51 -0.07 -17.82
N PHE B 3 -10.72 -0.74 -16.69
CA PHE B 3 -11.42 -0.19 -15.50
C PHE B 3 -10.61 -0.45 -14.23
N ARG B 4 -10.79 0.41 -13.23
CA ARG B 4 -10.15 0.28 -11.91
C ARG B 4 -11.20 0.58 -10.83
N SER B 5 -11.03 -0.02 -9.65
CA SER B 5 -11.79 0.36 -8.44
C SER B 5 -11.45 1.81 -8.11
N LEU B 6 -12.45 2.63 -7.78
CA LEU B 6 -12.21 3.99 -7.24
C LEU B 6 -11.98 3.85 -5.74
N GLY B 7 -10.71 3.74 -5.34
CA GLY B 7 -10.29 3.47 -3.96
C GLY B 7 -10.82 2.13 -3.47
N ARG B 8 -10.99 2.00 -2.15
CA ARG B 8 -11.58 0.79 -1.51
C ARG B 8 -13.11 0.95 -1.55
N SER B 9 -13.70 0.53 -2.66
CA SER B 9 -15.16 0.65 -2.94
C SER B 9 -15.53 -0.34 -4.03
N GLY B 10 -16.84 -0.60 -4.19
CA GLY B 10 -17.39 -1.47 -5.24
C GLY B 10 -17.58 -0.73 -6.56
N LEU B 11 -17.21 0.56 -6.60
CA LEU B 11 -17.38 1.41 -7.81
C LEU B 11 -16.20 1.17 -8.76
N SER B 12 -16.49 0.85 -10.01
CA SER B 12 -15.50 0.74 -11.11
C SER B 12 -15.60 1.99 -11.97
N VAL B 13 -14.46 2.61 -12.29
CA VAL B 13 -14.38 3.76 -13.24
C VAL B 13 -13.56 3.33 -14.45
N SER B 14 -13.85 3.94 -15.61
CA SER B 14 -12.98 3.83 -16.81
C SER B 14 -11.62 4.49 -16.49
N GLU B 15 -10.52 3.85 -16.91
CA GLU B 15 -9.14 4.39 -16.72
C GLU B 15 -9.03 5.77 -17.37
N ILE B 16 -9.79 5.99 -18.44
CA ILE B 16 -9.92 7.32 -19.08
C ILE B 16 -11.28 7.91 -18.72
N VAL B 17 -11.25 9.08 -18.09
CA VAL B 17 -12.43 9.85 -17.60
C VAL B 17 -12.58 11.07 -18.51
N TYR B 18 -13.80 11.37 -18.96
CA TYR B 18 -14.07 12.58 -19.79
C TYR B 18 -14.46 13.72 -18.85
N GLY B 19 -13.67 14.79 -18.87
CA GLY B 19 -13.88 16.00 -18.05
C GLY B 19 -14.43 17.14 -18.89
N ASN B 20 -15.69 17.51 -18.68
CA ASN B 20 -16.43 18.50 -19.51
C ASN B 20 -15.92 19.91 -19.12
N LEU B 21 -14.68 20.24 -19.48
CA LEU B 21 -13.89 21.39 -18.96
C LEU B 21 -14.49 22.71 -19.48
N THR B 28 -16.98 28.05 -28.17
CA THR B 28 -17.20 26.58 -28.27
C THR B 28 -18.69 26.30 -28.31
N PRO B 29 -19.31 26.05 -29.50
CA PRO B 29 -20.74 25.81 -29.58
C PRO B 29 -21.18 24.53 -28.85
N ASP B 30 -22.46 24.46 -28.46
CA ASP B 30 -23.05 23.29 -27.76
C ASP B 30 -22.82 22.02 -28.58
N GLU B 31 -23.11 22.09 -29.88
CA GLU B 31 -23.07 20.92 -30.82
C GLU B 31 -21.71 20.22 -30.71
N VAL B 32 -20.60 20.98 -30.62
CA VAL B 32 -19.23 20.41 -30.59
C VAL B 32 -18.98 19.76 -29.22
N VAL B 33 -19.47 20.34 -28.12
CA VAL B 33 -19.35 19.73 -26.76
C VAL B 33 -20.10 18.40 -26.77
N LEU B 34 -21.33 18.39 -27.30
CA LEU B 34 -22.22 17.21 -27.32
C LEU B 34 -21.57 16.10 -28.17
N SER B 35 -21.00 16.46 -29.32
CA SER B 35 -20.27 15.55 -30.24
C SER B 35 -19.08 14.90 -29.50
N SER B 36 -18.36 15.69 -28.73
CA SER B 36 -17.13 15.27 -28.00
C SER B 36 -17.49 14.27 -26.89
N ILE B 37 -18.56 14.54 -26.15
CA ILE B 37 -19.06 13.63 -25.08
C ILE B 37 -19.48 12.31 -25.74
N ARG B 38 -20.20 12.36 -26.86
CA ARG B 38 -20.65 11.14 -27.58
C ARG B 38 -19.42 10.36 -28.07
N ALA B 39 -18.35 11.05 -28.48
CA ALA B 39 -17.09 10.41 -28.93
C ALA B 39 -16.47 9.63 -27.78
N ALA B 40 -16.50 10.19 -26.57
CA ALA B 40 -15.98 9.53 -25.34
C ALA B 40 -16.79 8.25 -25.07
N LEU B 41 -18.13 8.33 -25.13
CA LEU B 41 -19.04 7.16 -24.99
C LEU B 41 -18.66 6.07 -26.00
N ASP B 42 -18.50 6.45 -27.28
CA ASP B 42 -18.13 5.53 -28.39
C ASP B 42 -16.78 4.85 -28.07
N ALA B 43 -15.84 5.57 -27.46
CA ALA B 43 -14.50 5.09 -27.10
C ALA B 43 -14.55 4.18 -25.86
N GLY B 44 -15.72 4.04 -25.25
CA GLY B 44 -15.95 3.17 -24.08
C GLY B 44 -15.71 3.88 -22.75
N VAL B 45 -15.61 5.21 -22.75
CA VAL B 45 -15.53 6.01 -21.49
C VAL B 45 -16.88 5.85 -20.78
N THR B 46 -16.85 5.48 -19.49
CA THR B 46 -18.06 5.29 -18.64
C THR B 46 -18.19 6.45 -17.65
N THR B 47 -17.08 7.12 -17.37
CA THR B 47 -16.92 8.00 -16.19
C THR B 47 -16.77 9.44 -16.69
N PHE B 48 -17.68 10.32 -16.25
CA PHE B 48 -17.79 11.72 -16.71
C PHE B 48 -17.77 12.64 -15.51
N ASP B 49 -16.95 13.70 -15.60
CA ASP B 49 -16.76 14.69 -14.52
C ASP B 49 -17.06 16.08 -15.10
N THR B 50 -17.55 16.98 -14.25
CA THR B 50 -18.00 18.33 -14.66
C THR B 50 -16.79 19.27 -14.71
N ALA B 51 -16.36 19.83 -13.58
CA ALA B 51 -15.28 20.86 -13.49
C ALA B 51 -15.60 22.05 -14.41
N TYR B 54 -15.89 27.02 -12.74
CA TYR B 54 -16.02 28.22 -13.60
C TYR B 54 -17.37 28.22 -14.33
N GLY B 55 -17.58 27.28 -15.27
CA GLY B 55 -18.82 27.12 -16.04
C GLY B 55 -19.61 25.91 -15.57
N MET B 56 -19.88 25.83 -14.26
CA MET B 56 -20.47 24.65 -13.59
C MET B 56 -21.80 24.26 -14.26
N PHE B 57 -22.76 25.18 -14.29
CA PHE B 57 -24.17 24.89 -14.69
C PHE B 57 -24.21 24.46 -16.15
N ARG B 58 -23.49 25.15 -17.04
CA ARG B 58 -23.48 24.82 -18.49
C ARG B 58 -22.89 23.42 -18.68
N SER B 59 -21.79 23.11 -17.97
CA SER B 59 -21.10 21.80 -18.06
C SER B 59 -22.07 20.67 -17.67
N GLU B 60 -22.76 20.81 -16.54
CA GLU B 60 -23.74 19.80 -16.06
C GLU B 60 -24.89 19.66 -17.07
N SER B 61 -25.43 20.77 -17.55
CA SER B 61 -26.57 20.78 -18.51
C SER B 61 -26.19 20.03 -19.79
N LEU B 62 -24.98 20.24 -20.31
CA LEU B 62 -24.53 19.60 -21.58
C LEU B 62 -24.26 18.11 -21.34
N LEU B 63 -23.65 17.73 -20.22
CA LEU B 63 -23.49 16.29 -19.87
C LEU B 63 -24.87 15.64 -19.77
N GLY B 64 -25.82 16.29 -19.09
CA GLY B 64 -27.16 15.74 -18.88
C GLY B 64 -27.86 15.49 -20.21
N ARG B 65 -27.70 16.40 -21.16
CA ARG B 65 -28.30 16.28 -22.52
C ARG B 65 -27.58 15.15 -23.29
N ALA B 66 -26.24 15.17 -23.35
CA ALA B 66 -25.42 14.22 -24.15
C ALA B 66 -25.61 12.78 -23.66
N LEU B 67 -25.83 12.57 -22.36
CA LEU B 67 -25.89 11.22 -21.72
C LEU B 67 -27.33 10.74 -21.54
N ALA B 68 -28.35 11.51 -21.98
CA ALA B 68 -29.77 11.29 -21.65
C ALA B 68 -30.24 9.85 -21.95
N GLY B 69 -29.82 9.28 -23.09
CA GLY B 69 -30.29 7.94 -23.53
C GLY B 69 -29.53 6.78 -22.91
N THR B 70 -28.37 7.04 -22.29
CA THR B 70 -27.43 5.98 -21.82
C THR B 70 -28.00 5.34 -20.56
N PRO B 71 -28.08 3.99 -20.49
CA PRO B 71 -28.50 3.30 -19.27
C PRO B 71 -27.70 3.76 -18.05
N ARG B 72 -28.41 4.11 -16.97
CA ARG B 72 -27.83 4.73 -15.76
C ARG B 72 -26.72 3.83 -15.20
N GLU B 73 -26.90 2.50 -15.24
CA GLU B 73 -26.01 1.51 -14.59
C GLU B 73 -24.62 1.49 -15.26
N GLU B 74 -24.55 1.96 -16.51
CA GLU B 74 -23.30 1.97 -17.33
C GLU B 74 -22.50 3.24 -17.04
N LEU B 75 -23.10 4.26 -16.45
CA LEU B 75 -22.53 5.62 -16.31
C LEU B 75 -22.05 5.83 -14.88
N VAL B 76 -20.87 6.43 -14.73
CA VAL B 76 -20.40 7.00 -13.45
C VAL B 76 -20.34 8.52 -13.62
N LEU B 77 -21.31 9.22 -13.03
CA LEU B 77 -21.42 10.70 -13.12
C LEU B 77 -20.85 11.31 -11.86
N CYS B 78 -19.87 12.18 -12.05
CA CYS B 78 -19.14 12.91 -10.98
C CYS B 78 -19.42 14.38 -11.18
N THR B 79 -19.77 15.10 -10.12
CA THR B 79 -19.86 16.57 -10.14
C THR B 79 -19.29 17.09 -8.82
N LYS B 80 -19.35 18.41 -8.64
CA LYS B 80 -18.56 19.12 -7.61
C LYS B 80 -19.46 20.11 -6.89
N VAL B 81 -19.07 20.41 -5.65
CA VAL B 81 -19.66 21.50 -4.84
C VAL B 81 -18.50 22.16 -4.08
N GLY B 82 -18.60 23.46 -3.83
CA GLY B 82 -17.64 24.17 -2.97
C GLY B 82 -17.07 25.40 -3.65
N MET B 83 -17.11 25.46 -4.98
CA MET B 83 -16.69 26.68 -5.72
C MET B 83 -17.87 27.64 -5.75
N PRO B 84 -17.63 28.97 -5.88
CA PRO B 84 -18.73 29.94 -5.88
C PRO B 84 -19.70 29.70 -7.05
N THR B 85 -21.00 29.60 -6.75
CA THR B 85 -22.10 29.52 -7.73
C THR B 85 -23.06 30.72 -7.55
N GLY B 86 -22.98 31.40 -6.40
CA GLY B 86 -23.69 32.65 -6.09
C GLY B 86 -22.72 33.76 -5.73
N PHE B 87 -23.21 34.97 -5.45
CA PHE B 87 -22.39 36.20 -5.33
C PHE B 87 -22.13 36.55 -3.86
N GLY B 88 -22.88 35.97 -2.92
CA GLY B 88 -22.85 36.30 -1.48
C GLY B 88 -22.04 35.29 -0.68
N PRO B 89 -21.90 35.47 0.66
CA PRO B 89 -21.04 34.60 1.46
C PRO B 89 -21.55 33.17 1.66
N ASN B 90 -22.81 32.87 1.31
CA ASN B 90 -23.39 31.50 1.46
C ASN B 90 -23.53 30.81 0.10
N GLY B 91 -23.14 31.47 -0.99
CA GLY B 91 -23.23 30.92 -2.36
C GLY B 91 -21.93 30.25 -2.77
N ARG B 92 -21.24 29.64 -1.80
CA ARG B 92 -19.87 29.10 -1.95
C ARG B 92 -19.53 28.27 -0.72
N GLY B 93 -18.39 27.59 -0.75
CA GLY B 93 -17.87 26.80 0.38
C GLY B 93 -18.65 25.53 0.59
N LEU B 94 -18.54 24.92 1.77
CA LEU B 94 -19.02 23.56 2.00
C LEU B 94 -19.91 23.49 3.24
N SER B 95 -20.59 24.60 3.59
CA SER B 95 -21.60 24.64 4.67
C SER B 95 -22.74 23.67 4.34
N ARG B 96 -23.44 23.20 5.38
CA ARG B 96 -24.68 22.42 5.20
C ARG B 96 -25.59 23.21 4.26
N LYS B 97 -25.69 24.52 4.47
CA LYS B 97 -26.58 25.39 3.66
C LYS B 97 -26.21 25.27 2.19
N HIS B 98 -24.96 25.55 1.83
CA HIS B 98 -24.57 25.62 0.41
C HIS B 98 -24.69 24.23 -0.24
N VAL B 99 -24.25 23.17 0.45
CA VAL B 99 -24.32 21.78 -0.08
C VAL B 99 -25.79 21.40 -0.30
N MET B 100 -26.64 21.58 0.71
CA MET B 100 -28.09 21.23 0.63
C MET B 100 -28.76 22.03 -0.51
N GLU B 101 -28.34 23.27 -0.75
CA GLU B 101 -28.96 24.16 -1.78
C GLU B 101 -28.30 23.96 -3.15
N SER B 102 -27.26 23.13 -3.26
CA SER B 102 -26.52 22.88 -4.52
C SER B 102 -26.93 21.54 -5.15
N VAL B 103 -27.26 20.54 -4.33
CA VAL B 103 -27.35 19.14 -4.81
C VAL B 103 -28.53 19.00 -5.79
N ASP B 104 -29.70 19.59 -5.51
CA ASP B 104 -30.91 19.40 -6.35
C ASP B 104 -30.72 20.02 -7.74
N GLY B 105 -30.05 21.17 -7.83
CA GLY B 105 -29.69 21.81 -9.12
C GLY B 105 -28.81 20.90 -9.95
N SER B 106 -27.80 20.27 -9.34
CA SER B 106 -26.89 19.31 -10.04
C SER B 106 -27.71 18.12 -10.55
N LEU B 107 -28.59 17.55 -9.73
CA LEU B 107 -29.42 16.39 -10.13
C LEU B 107 -30.30 16.78 -11.33
N ARG B 108 -30.92 17.96 -11.28
CA ARG B 108 -31.83 18.46 -12.35
C ARG B 108 -31.05 18.65 -13.66
N ARG B 109 -29.88 19.29 -13.61
CA ARG B 109 -29.09 19.61 -14.83
C ARG B 109 -28.53 18.33 -15.44
N LEU B 110 -28.09 17.37 -14.62
CA LEU B 110 -27.54 16.08 -15.07
C LEU B 110 -28.66 15.11 -15.45
N ARG B 111 -29.92 15.42 -15.09
CA ARG B 111 -31.14 14.64 -15.42
C ARG B 111 -31.04 13.24 -14.78
N VAL B 112 -30.60 13.17 -13.53
CA VAL B 112 -30.45 11.88 -12.78
C VAL B 112 -31.09 12.01 -11.40
N ASP B 113 -31.33 10.87 -10.76
CA ASP B 113 -31.87 10.72 -9.39
C ASP B 113 -30.74 10.74 -8.36
N HIS B 114 -29.53 10.39 -8.77
CA HIS B 114 -28.34 10.37 -7.88
C HIS B 114 -27.07 10.67 -8.68
N ILE B 115 -26.10 11.24 -7.98
CA ILE B 115 -24.72 11.51 -8.44
C ILE B 115 -23.87 10.36 -7.91
N ASP B 116 -23.02 9.74 -8.74
CA ASP B 116 -22.16 8.62 -8.31
C ASP B 116 -21.08 9.16 -7.37
N VAL B 117 -20.36 10.21 -7.79
CA VAL B 117 -19.25 10.80 -6.98
C VAL B 117 -19.49 12.30 -6.85
N TYR B 118 -19.75 12.76 -5.64
CA TYR B 118 -19.93 14.19 -5.28
C TYR B 118 -18.63 14.66 -4.65
N THR B 119 -17.89 15.53 -5.35
CA THR B 119 -16.53 15.98 -4.95
C THR B 119 -16.63 17.33 -4.25
N ALA B 120 -16.10 17.42 -3.04
CA ALA B 120 -15.94 18.68 -2.29
C ALA B 120 -14.71 19.41 -2.85
N HIS B 121 -14.94 20.46 -3.64
CA HIS B 121 -13.88 21.22 -4.33
C HIS B 121 -13.38 22.34 -3.41
N ARG B 122 -12.13 22.21 -2.94
CA ARG B 122 -11.38 23.20 -2.11
C ARG B 122 -11.81 23.08 -0.66
N TYR B 123 -10.88 22.71 0.22
CA TYR B 123 -11.16 22.63 1.68
C TYR B 123 -11.67 23.99 2.15
N ASP B 124 -12.73 23.98 2.95
CA ASP B 124 -13.37 25.21 3.49
C ASP B 124 -13.04 25.32 4.98
N PRO B 125 -12.06 26.17 5.39
CA PRO B 125 -11.71 26.31 6.80
C PRO B 125 -12.83 26.88 7.67
N ALA B 126 -13.88 27.46 7.07
CA ALA B 126 -15.02 28.06 7.80
C ALA B 126 -16.03 26.98 8.23
N THR B 127 -16.06 25.82 7.57
CA THR B 127 -17.03 24.74 7.88
C THR B 127 -16.36 23.64 8.69
N PRO B 128 -16.81 23.36 9.94
CA PRO B 128 -16.36 22.19 10.67
C PRO B 128 -16.61 20.94 9.82
N LEU B 129 -15.65 20.02 9.79
CA LEU B 129 -15.77 18.78 8.98
C LEU B 129 -16.94 17.93 9.47
N GLU B 130 -17.31 17.98 10.75
CA GLU B 130 -18.51 17.25 11.27
C GLU B 130 -19.75 17.80 10.55
N GLU B 131 -19.82 19.12 10.35
CA GLU B 131 -20.97 19.77 9.66
C GLU B 131 -21.06 19.26 8.22
N LEU B 132 -19.94 19.28 7.49
CA LEU B 132 -19.92 18.85 6.07
C LEU B 132 -20.25 17.35 6.00
N MET B 133 -19.61 16.51 6.81
CA MET B 133 -19.75 15.03 6.68
C MET B 133 -21.15 14.58 7.11
N TRP B 134 -21.78 15.24 8.10
CA TRP B 134 -23.18 14.92 8.45
C TRP B 134 -24.12 15.37 7.31
N THR B 135 -23.75 16.41 6.56
CA THR B 135 -24.56 16.84 5.38
C THR B 135 -24.48 15.73 4.32
N PHE B 136 -23.27 15.26 4.02
CA PHE B 136 -23.05 14.14 3.08
C PHE B 136 -23.82 12.90 3.58
N SER B 137 -23.79 12.60 4.89
CA SER B 137 -24.56 11.47 5.47
C SER B 137 -26.05 11.61 5.09
N ASP B 138 -26.64 12.78 5.30
CA ASP B 138 -28.07 13.03 4.99
C ASP B 138 -28.34 12.80 3.49
N LEU B 139 -27.42 13.20 2.60
CA LEU B 139 -27.59 13.02 1.14
C LEU B 139 -27.43 11.55 0.74
N VAL B 140 -26.55 10.79 1.39
CA VAL B 140 -26.38 9.34 1.10
C VAL B 140 -27.65 8.61 1.59
N ARG B 141 -28.10 8.89 2.83
CA ARG B 141 -29.36 8.29 3.39
C ARG B 141 -30.52 8.54 2.41
N ALA B 142 -30.58 9.75 1.82
CA ALA B 142 -31.66 10.20 0.91
C ALA B 142 -31.51 9.60 -0.50
N GLY B 143 -30.38 8.95 -0.79
CA GLY B 143 -30.11 8.30 -2.10
C GLY B 143 -29.77 9.31 -3.19
N LYS B 144 -29.37 10.53 -2.82
CA LYS B 144 -29.10 11.61 -3.81
C LYS B 144 -27.64 11.57 -4.25
N ILE B 145 -26.73 11.10 -3.38
CA ILE B 145 -25.29 10.86 -3.74
C ILE B 145 -24.93 9.45 -3.26
N LEU B 146 -23.98 8.81 -3.93
CA LEU B 146 -23.50 7.45 -3.58
C LEU B 146 -22.15 7.53 -2.87
N TYR B 147 -21.19 8.27 -3.44
CA TYR B 147 -19.79 8.27 -2.95
C TYR B 147 -19.30 9.71 -2.87
N VAL B 148 -18.35 9.98 -1.98
CA VAL B 148 -17.79 11.34 -1.78
C VAL B 148 -16.33 11.38 -2.25
N GLY B 149 -15.96 12.50 -2.88
CA GLY B 149 -14.57 12.81 -3.26
C GLY B 149 -14.14 14.17 -2.72
N MET B 150 -12.86 14.48 -2.91
CA MET B 150 -12.27 15.80 -2.55
C MET B 150 -11.29 16.23 -3.65
N SER B 151 -11.04 17.52 -3.72
CA SER B 151 -10.08 18.15 -4.65
C SER B 151 -9.51 19.42 -3.99
N GLU B 152 -8.19 19.63 -4.03
CA GLU B 152 -7.51 20.83 -3.46
C GLU B 152 -7.78 20.88 -1.95
N TRP B 153 -7.49 19.77 -1.28
CA TRP B 153 -7.59 19.58 0.19
C TRP B 153 -6.19 19.31 0.75
N PRO B 154 -5.84 19.85 1.94
CA PRO B 154 -4.66 19.36 2.65
C PRO B 154 -4.83 17.89 3.03
N VAL B 155 -3.75 17.09 2.93
CA VAL B 155 -3.73 15.63 3.24
C VAL B 155 -4.37 15.39 4.63
N GLU B 156 -4.08 16.25 5.61
CA GLU B 156 -4.55 16.10 7.01
C GLU B 156 -6.08 16.17 7.05
N ARG B 157 -6.67 17.04 6.23
CA ARG B 157 -8.14 17.24 6.18
C ARG B 157 -8.80 16.08 5.44
N ILE B 158 -8.16 15.56 4.40
CA ILE B 158 -8.63 14.32 3.70
C ILE B 158 -8.74 13.20 4.73
N ALA B 159 -7.69 13.01 5.55
CA ALA B 159 -7.63 11.93 6.56
C ALA B 159 -8.76 12.13 7.60
N GLU B 160 -8.96 13.35 8.10
CA GLU B 160 -10.01 13.69 9.10
C GLU B 160 -11.38 13.35 8.49
N ALA B 161 -11.62 13.81 7.25
CA ALA B 161 -12.90 13.60 6.53
C ALA B 161 -13.17 12.10 6.33
N ALA B 162 -12.16 11.33 5.91
CA ALA B 162 -12.26 9.86 5.67
C ALA B 162 -12.64 9.13 6.97
N GLY B 163 -12.07 9.54 8.11
CA GLY B 163 -12.36 8.98 9.44
C GLY B 163 -13.81 9.20 9.86
N ILE B 164 -14.32 10.43 9.70
CA ILE B 164 -15.72 10.79 10.06
C ILE B 164 -16.65 10.03 9.10
N GLY B 165 -16.30 10.01 7.82
CA GLY B 165 -17.03 9.27 6.76
C GLY B 165 -17.21 7.81 7.15
N ALA B 166 -16.14 7.15 7.59
CA ALA B 166 -16.19 5.73 8.03
C ALA B 166 -17.21 5.59 9.16
N ARG B 167 -17.20 6.51 10.14
CA ARG B 167 -18.08 6.45 11.34
C ARG B 167 -19.54 6.62 10.90
N LEU B 168 -19.81 7.48 9.91
CA LEU B 168 -21.19 7.88 9.51
C LEU B 168 -21.71 7.06 8.31
N GLY B 169 -20.93 6.11 7.80
CA GLY B 169 -21.34 5.31 6.63
C GLY B 169 -21.38 6.14 5.36
N VAL B 170 -20.49 7.12 5.24
CA VAL B 170 -20.31 7.95 4.01
C VAL B 170 -19.05 7.47 3.32
N PRO B 171 -19.14 6.77 2.16
CA PRO B 171 -17.95 6.32 1.47
C PRO B 171 -17.12 7.52 0.97
N VAL B 172 -15.86 7.60 1.39
CA VAL B 172 -14.89 8.62 0.92
C VAL B 172 -13.83 7.89 0.10
N ILE B 173 -13.89 7.99 -1.22
CA ILE B 173 -13.20 7.01 -2.12
C ILE B 173 -12.33 7.71 -3.17
N CYS B 174 -12.45 9.04 -3.35
CA CYS B 174 -11.89 9.74 -4.53
C CYS B 174 -11.15 11.02 -4.13
N HIS B 175 -10.00 11.25 -4.76
CA HIS B 175 -9.25 12.54 -4.70
C HIS B 175 -8.89 12.94 -6.12
N MET B 176 -8.99 14.23 -6.45
CA MET B 176 -8.70 14.75 -7.80
C MET B 176 -7.54 15.72 -7.75
N PRO B 177 -6.30 15.22 -7.98
CA PRO B 177 -5.11 16.06 -8.00
C PRO B 177 -4.80 16.54 -9.43
N ARG B 178 -3.95 17.55 -9.54
CA ARG B 178 -3.11 17.78 -10.73
C ARG B 178 -1.99 16.73 -10.72
N TYR B 179 -1.87 15.94 -11.78
CA TYR B 179 -0.83 14.89 -11.91
C TYR B 179 -0.51 14.67 -13.39
N SER B 180 0.78 14.78 -13.74
CA SER B 180 1.32 14.57 -15.11
C SER B 180 2.81 14.24 -15.02
N MET B 181 3.41 13.88 -16.15
CA MET B 181 4.86 13.57 -16.30
C MET B 181 5.70 14.74 -15.78
N LEU B 182 5.18 15.97 -15.87
CA LEU B 182 5.90 17.22 -15.47
C LEU B 182 5.54 17.62 -14.04
N TRP B 183 4.29 17.41 -13.60
CA TRP B 183 3.80 17.87 -12.29
C TRP B 183 3.56 16.66 -11.37
N ARG B 184 4.51 16.40 -10.46
CA ARG B 184 4.52 15.17 -9.62
C ARG B 184 4.40 15.50 -8.13
N ALA B 185 3.97 16.72 -7.78
CA ALA B 185 3.80 17.16 -6.37
C ALA B 185 3.05 16.12 -5.54
N PRO B 186 1.92 15.52 -6.01
CA PRO B 186 1.17 14.58 -5.17
C PRO B 186 1.85 13.24 -4.82
N GLU B 187 2.97 12.90 -5.46
CA GLU B 187 3.72 11.64 -5.20
C GLU B 187 4.31 11.66 -3.78
N ALA B 188 4.68 12.83 -3.26
CA ALA B 188 5.42 12.99 -1.98
C ALA B 188 4.55 12.50 -0.80
N GLU B 189 3.34 13.04 -0.65
CA GLU B 189 2.46 12.78 0.54
C GLU B 189 1.03 12.42 0.14
N VAL B 190 0.46 13.07 -0.86
CA VAL B 190 -1.00 12.98 -1.16
C VAL B 190 -1.36 11.56 -1.60
N ILE B 191 -0.70 11.01 -2.61
CA ILE B 191 -1.07 9.67 -3.17
C ILE B 191 -0.79 8.60 -2.12
N PRO B 192 0.41 8.53 -1.48
CA PRO B 192 0.65 7.57 -0.41
C PRO B 192 -0.44 7.57 0.67
N ALA B 193 -0.75 8.75 1.23
CA ALA B 193 -1.80 8.93 2.27
C ALA B 193 -3.14 8.43 1.74
N CYS B 194 -3.53 8.82 0.53
CA CYS B 194 -4.84 8.42 -0.08
C CYS B 194 -4.90 6.89 -0.22
N ARG B 195 -3.82 6.26 -0.67
CA ARG B 195 -3.79 4.78 -0.83
C ARG B 195 -4.01 4.13 0.55
N ASP B 196 -3.40 4.68 1.60
CA ASP B 196 -3.56 4.22 3.01
C ASP B 196 -5.04 4.31 3.41
N LEU B 197 -5.74 5.37 3.00
CA LEU B 197 -7.14 5.69 3.41
C LEU B 197 -8.16 5.02 2.48
N GLY B 198 -7.72 4.27 1.46
CA GLY B 198 -8.62 3.62 0.49
C GLY B 198 -9.27 4.63 -0.44
N ILE B 199 -8.50 5.61 -0.89
CA ILE B 199 -8.92 6.69 -1.83
C ILE B 199 -8.09 6.56 -3.10
N GLY B 200 -8.76 6.54 -4.26
CA GLY B 200 -8.13 6.50 -5.59
C GLY B 200 -8.07 7.88 -6.21
N GLN B 201 -7.09 8.13 -7.08
CA GLN B 201 -6.95 9.44 -7.76
C GLN B 201 -7.69 9.40 -9.10
N ILE B 202 -8.39 10.47 -9.42
CA ILE B 202 -8.81 10.81 -10.81
C ILE B 202 -8.08 12.11 -11.16
N CYS B 203 -7.12 12.01 -12.08
CA CYS B 203 -6.03 12.99 -12.30
C CYS B 203 -6.43 14.03 -13.35
N TYR B 204 -6.23 15.30 -13.02
CA TYR B 204 -6.50 16.46 -13.90
C TYR B 204 -5.18 16.97 -14.50
N PHE B 205 -5.27 17.56 -15.69
CA PHE B 205 -4.17 18.27 -16.41
C PHE B 205 -3.05 17.29 -16.74
N THR B 206 -3.40 16.05 -17.07
CA THR B 206 -2.48 14.95 -17.43
C THR B 206 -1.71 15.29 -18.70
N LEU B 207 -2.28 16.12 -19.59
CA LEU B 207 -1.63 16.60 -20.83
C LEU B 207 -1.11 18.04 -20.66
N GLU B 208 -1.17 18.57 -19.43
CA GLU B 208 -0.70 19.93 -19.05
C GLU B 208 -1.25 20.97 -20.04
N GLN B 209 -2.53 20.83 -20.40
CA GLN B 209 -3.29 21.74 -21.30
C GLN B 209 -2.58 21.86 -22.66
N GLY B 210 -2.17 20.73 -23.25
CA GLY B 210 -1.64 20.67 -24.63
C GLY B 210 -0.12 20.57 -24.69
N VAL B 211 0.59 20.98 -23.64
CA VAL B 211 2.09 20.94 -23.58
C VAL B 211 2.56 19.50 -23.87
N LEU B 212 1.98 18.49 -23.21
CA LEU B 212 2.46 17.08 -23.27
C LEU B 212 1.83 16.34 -24.46
N THR B 213 1.23 17.05 -25.41
CA THR B 213 0.75 16.49 -26.71
C THR B 213 1.87 16.55 -27.75
N GLY B 214 2.80 17.51 -27.61
CA GLY B 214 3.91 17.75 -28.55
C GLY B 214 3.43 18.49 -29.78
N ASP B 245 9.78 28.57 -17.95
CA ASP B 245 10.84 27.61 -18.37
C ASP B 245 10.85 27.53 -19.91
N ASP B 246 12.04 27.40 -20.51
CA ASP B 246 12.29 27.51 -21.97
C ASP B 246 12.76 26.16 -22.55
N LYS B 247 13.20 25.22 -21.70
CA LYS B 247 13.75 23.90 -22.12
C LYS B 247 12.63 22.86 -22.26
N VAL B 248 11.42 23.16 -21.77
CA VAL B 248 10.31 22.16 -21.61
C VAL B 248 9.85 21.70 -23.00
N LEU B 249 9.37 22.64 -23.84
CA LEU B 249 8.80 22.34 -25.19
C LEU B 249 9.83 21.57 -26.03
N GLY B 250 11.11 21.94 -25.92
CA GLY B 250 12.23 21.24 -26.60
C GLY B 250 12.39 19.81 -26.10
N ARG B 251 12.34 19.61 -24.77
CA ARG B 251 12.48 18.29 -24.10
C ARG B 251 11.25 17.42 -24.39
N VAL B 252 10.05 18.01 -24.50
CA VAL B 252 8.79 17.27 -24.82
C VAL B 252 8.90 16.71 -26.24
N GLU B 253 9.37 17.51 -27.20
CA GLU B 253 9.63 17.06 -28.60
C GLU B 253 10.52 15.81 -28.60
N ARG B 254 11.48 15.75 -27.67
CA ARG B 254 12.46 14.63 -27.53
C ARG B 254 11.79 13.37 -26.95
N LEU B 255 10.53 13.45 -26.49
CA LEU B 255 9.76 12.25 -26.05
C LEU B 255 9.14 11.54 -27.26
N ARG B 256 9.00 12.22 -28.41
CA ARG B 256 8.31 11.68 -29.61
C ARG B 256 9.01 10.40 -30.09
N PRO B 257 10.35 10.36 -30.21
CA PRO B 257 11.06 9.12 -30.45
C PRO B 257 10.67 7.99 -29.49
N LEU B 258 10.65 8.28 -28.18
CA LEU B 258 10.34 7.30 -27.10
C LEU B 258 8.93 6.76 -27.29
N ALA B 259 7.97 7.63 -27.62
CA ALA B 259 6.53 7.30 -27.78
C ALA B 259 6.35 6.36 -28.98
N GLU B 260 6.92 6.73 -30.14
CA GLU B 260 6.79 5.99 -31.42
C GLU B 260 7.39 4.58 -31.25
N GLU B 261 8.49 4.47 -30.52
CA GLU B 261 9.16 3.18 -30.18
C GLU B 261 8.15 2.21 -29.54
N ALA B 262 7.29 2.72 -28.64
CA ALA B 262 6.27 1.94 -27.91
C ALA B 262 4.94 1.94 -28.66
N GLY B 263 4.90 2.52 -29.87
CA GLY B 263 3.72 2.55 -30.76
C GLY B 263 2.61 3.43 -30.19
N LEU B 264 2.99 4.60 -29.66
CA LEU B 264 2.08 5.58 -29.01
C LEU B 264 2.37 6.98 -29.57
N THR B 265 1.38 7.87 -29.51
CA THR B 265 1.56 9.34 -29.64
C THR B 265 2.12 9.86 -28.32
N THR B 266 2.64 11.09 -28.29
CA THR B 266 3.19 11.74 -27.07
C THR B 266 2.07 11.85 -26.03
N ALA B 267 0.86 12.21 -26.46
CA ALA B 267 -0.34 12.37 -25.58
C ALA B 267 -0.70 11.02 -24.94
N GLN B 268 -0.65 9.93 -25.71
CA GLN B 268 -0.94 8.56 -25.21
C GLN B 268 0.14 8.13 -24.21
N LEU B 269 1.41 8.48 -24.47
CA LEU B 269 2.52 8.23 -23.53
C LEU B 269 2.26 8.97 -22.21
N ALA B 270 1.90 10.26 -22.31
CA ALA B 270 1.60 11.16 -21.16
C ALA B 270 0.47 10.56 -20.31
N LEU B 271 -0.61 10.09 -20.95
CA LEU B 271 -1.79 9.49 -20.26
C LEU B 271 -1.42 8.13 -19.67
N ALA B 272 -0.76 7.25 -20.44
CA ALA B 272 -0.32 5.93 -19.97
C ALA B 272 0.58 6.10 -18.75
N TRP B 273 1.41 7.15 -18.73
CA TRP B 273 2.41 7.39 -17.67
C TRP B 273 1.70 7.60 -16.32
N VAL B 274 0.65 8.42 -16.32
CA VAL B 274 -0.21 8.68 -15.12
C VAL B 274 -0.77 7.34 -14.64
N LEU B 275 -1.26 6.51 -15.57
CA LEU B 275 -1.98 5.24 -15.23
C LEU B 275 -0.99 4.19 -14.70
N GLN B 276 0.32 4.40 -14.83
CA GLN B 276 1.34 3.46 -14.30
C GLN B 276 1.33 3.50 -12.77
N ASN B 277 0.89 4.60 -12.16
CA ASN B 277 0.80 4.77 -10.69
C ASN B 277 -0.32 3.86 -10.17
N PRO B 278 -0.03 2.93 -9.24
CA PRO B 278 -1.05 2.05 -8.67
C PRO B 278 -2.12 2.78 -7.86
N GLY B 279 -1.82 4.00 -7.40
CA GLY B 279 -2.73 4.85 -6.62
C GLY B 279 -3.74 5.58 -7.50
N VAL B 280 -3.58 5.52 -8.83
CA VAL B 280 -4.43 6.25 -9.81
C VAL B 280 -5.55 5.33 -10.30
N SER B 281 -6.80 5.79 -10.21
CA SER B 281 -8.01 5.08 -10.72
C SER B 281 -8.27 5.50 -12.17
N GLY B 282 -8.13 6.80 -12.44
CA GLY B 282 -8.48 7.37 -13.76
C GLY B 282 -7.65 8.59 -14.09
N ALA B 283 -7.57 8.92 -15.38
CA ALA B 283 -6.90 10.12 -15.93
C ALA B 283 -7.92 10.86 -16.80
N VAL B 284 -8.08 12.16 -16.56
CA VAL B 284 -9.12 12.99 -17.23
C VAL B 284 -8.57 13.49 -18.57
N ILE B 285 -9.39 13.36 -19.62
CA ILE B 285 -9.18 14.01 -20.95
C ILE B 285 -10.40 14.88 -21.21
N GLY B 286 -10.26 15.94 -22.02
CA GLY B 286 -11.35 16.90 -22.25
C GLY B 286 -11.32 17.53 -23.63
N SER B 287 -10.73 16.87 -24.63
CA SER B 287 -10.58 17.43 -26.00
C SER B 287 -11.96 17.60 -26.65
N PHE B 288 -12.14 18.72 -27.37
CA PHE B 288 -13.34 19.03 -28.19
C PHE B 288 -13.17 18.44 -29.60
N ASN B 289 -12.08 17.72 -29.85
CA ASN B 289 -11.79 17.04 -31.14
C ASN B 289 -12.07 15.54 -31.00
N ALA B 290 -13.09 15.05 -31.70
CA ALA B 290 -13.64 13.66 -31.57
C ALA B 290 -12.55 12.63 -31.87
N GLU B 291 -11.67 12.92 -32.84
CA GLU B 291 -10.56 12.02 -33.27
C GLU B 291 -9.57 11.86 -32.11
N GLN B 292 -9.19 12.95 -31.45
CA GLN B 292 -8.23 12.97 -30.31
C GLN B 292 -8.84 12.21 -29.11
N VAL B 293 -10.13 12.40 -28.85
CA VAL B 293 -10.82 11.70 -27.73
C VAL B 293 -10.64 10.18 -27.92
N LEU B 294 -10.90 9.67 -29.13
CA LEU B 294 -10.80 8.22 -29.46
C LEU B 294 -9.35 7.75 -29.29
N ALA B 295 -8.37 8.51 -29.82
CA ALA B 295 -6.92 8.19 -29.75
C ALA B 295 -6.47 8.15 -28.28
N ASN B 296 -6.81 9.18 -27.50
CA ASN B 296 -6.41 9.33 -26.08
C ASN B 296 -7.07 8.26 -25.21
N ALA B 297 -8.31 7.84 -25.52
CA ALA B 297 -9.02 6.74 -24.84
C ALA B 297 -8.22 5.44 -24.93
N GLU B 298 -7.47 5.23 -26.02
CA GLU B 298 -6.72 3.97 -26.29
C GLU B 298 -5.47 3.90 -25.41
N SER B 299 -5.17 4.95 -24.63
CA SER B 299 -4.10 4.97 -23.60
C SER B 299 -4.40 3.95 -22.49
N ALA B 300 -5.67 3.59 -22.29
CA ALA B 300 -6.12 2.60 -21.27
C ALA B 300 -5.48 1.24 -21.55
N GLY B 301 -4.91 0.61 -20.51
CA GLY B 301 -4.35 -0.76 -20.59
C GLY B 301 -2.91 -0.77 -21.08
N VAL B 302 -2.37 0.37 -21.51
CA VAL B 302 -0.95 0.47 -21.97
C VAL B 302 -0.04 0.33 -20.74
N ARG B 303 0.83 -0.68 -20.74
CA ARG B 303 1.88 -0.90 -19.71
C ARG B 303 3.21 -0.40 -20.28
N LEU B 304 3.91 0.48 -19.57
CA LEU B 304 5.20 1.09 -20.01
C LEU B 304 6.37 0.33 -19.38
N GLU B 305 7.44 0.10 -20.15
CA GLU B 305 8.67 -0.60 -19.69
C GLU B 305 9.44 0.34 -18.76
N THR B 306 10.07 -0.21 -17.71
CA THR B 306 10.87 0.54 -16.70
C THR B 306 11.93 1.40 -17.40
N ASP B 307 12.63 0.83 -18.38
CA ASP B 307 13.68 1.51 -19.18
C ASP B 307 13.06 2.74 -19.86
N LEU B 308 11.85 2.59 -20.43
CA LEU B 308 11.08 3.70 -21.05
C LEU B 308 10.84 4.80 -19.99
N LEU B 309 10.42 4.40 -18.79
CA LEU B 309 10.13 5.34 -17.67
C LEU B 309 11.43 6.05 -17.25
N VAL B 310 12.54 5.32 -17.19
CA VAL B 310 13.87 5.85 -16.76
C VAL B 310 14.27 7.00 -17.70
N ARG B 311 14.22 6.79 -19.02
CA ARG B 311 14.74 7.78 -20.00
C ARG B 311 13.69 8.85 -20.31
N ILE B 312 12.45 8.71 -19.83
CA ILE B 312 11.48 9.84 -19.78
C ILE B 312 11.98 10.85 -18.74
N ASP B 313 12.39 10.38 -17.56
CA ASP B 313 12.95 11.22 -16.46
C ASP B 313 14.21 11.94 -16.95
N GLU B 314 15.07 11.26 -17.70
CA GLU B 314 16.35 11.82 -18.22
C GLU B 314 16.05 12.95 -19.20
N VAL B 315 15.14 12.74 -20.16
CA VAL B 315 14.74 13.75 -21.18
C VAL B 315 14.21 15.00 -20.47
N LEU B 316 13.27 14.83 -19.53
CA LEU B 316 12.57 15.95 -18.84
C LEU B 316 13.50 16.61 -17.81
N GLY B 317 14.32 15.81 -17.11
CA GLY B 317 15.35 16.30 -16.18
C GLY B 317 14.77 17.17 -15.08
N ASP B 318 15.18 18.44 -15.00
CA ASP B 318 14.84 19.38 -13.89
C ASP B 318 13.58 20.18 -14.23
N SER B 319 12.93 19.92 -15.37
CA SER B 319 11.61 20.51 -15.73
C SER B 319 10.51 19.86 -14.89
N VAL B 320 10.73 18.62 -14.43
CA VAL B 320 9.78 17.86 -13.56
C VAL B 320 9.67 18.60 -12.22
N VAL B 321 8.44 18.91 -11.81
CA VAL B 321 8.12 19.54 -10.48
C VAL B 321 7.81 18.40 -9.50
N HIS B 322 8.61 18.28 -8.43
CA HIS B 322 8.49 17.26 -7.36
C HIS B 322 7.87 17.89 -6.10
#